data_6SYN
#
_entry.id   6SYN
#
_cell.length_a   40.860
_cell.length_b   104.950
_cell.length_c   110.420
_cell.angle_alpha   90.000
_cell.angle_beta   90.000
_cell.angle_gamma   90.000
#
_symmetry.space_group_name_H-M   'P 2 21 21'
#
loop_
_entity.id
_entity.type
_entity.pdbx_description
1 polymer 'Peptidoglycan D,D-transpeptidase FtsI'
2 non-polymer 'ACETATE ION'
3 non-polymer '(2R,4S)-2-[(1R)-1-{[(2S)-2-carboxy-2-phenylacetyl]amino}-2-oxoethyl]-5,5-dimethyl-1,3-thiazolidine-4-carboxylic acid'
4 water water
#
_entity_poly.entity_id   1
_entity_poly.type   'polypeptide(L)'
_entity_poly.pdbx_seq_one_letter_code
;HMDMRSLRVQEVPTARGMISDRSGRPLAVSVPVNAVWADPKELIEQGGISLDTRWKALSDALEIPLDQLATRINANPKGR
FVYLARQVNPAIGDYIRKLKLPGIHLRQESRRYYPAGQVMAHIIGVTNIDGQGIEGVEKSFDRWLTGQPGERTVRKDHYG
RVIEDISSVDSQAAHNLVLSVDERLQALVYRELNNAVAFNKAESGTAVLVDVNTGEVLAMANSPSYNPNNLTGTPKDAMR
NRAITDIFEPGSTVKPMVVMTALQHGVVKENSVLNTLPYFVNGHQIKDVARYAELSVTGILQKSSNVGVSKLALAMPSSA
LVDTYSRFGFGKATNLGLVGESSGLYPKKQRWSDIERATFSFGYGLMVTPLQLARVYATIGSMGVYRPLSITRVDPPVAG
ERIFPEPLVRTVVHMMESVALPGGGGTKAAIKGYRIAIKTGTAKKVGPDGKYMDRYLAYTAGVAPASNPRFALVVVINDP
QAGKYYGGAVSAPVFGAIMGGVLRTMNIEPDALPTGDKSELVINTKEGSGGRS
;
_entity_poly.pdbx_strand_id   A
#
loop_
_chem_comp.id
_chem_comp.type
_chem_comp.name
_chem_comp.formula
ACT non-polymer 'ACETATE ION' 'C2 H3 O2 -1'
CB9 non-polymer '(2R,4S)-2-[(1R)-1-{[(2S)-2-carboxy-2-phenylacetyl]amino}-2-oxoethyl]-5,5-dimethyl-1,3-thiazolidine-4-carboxylic acid' 'C17 H20 N2 O6 S'
#
# COMPACT_ATOMS: atom_id res chain seq x y z
N VAL A 12 16.57 23.90 17.20
CA VAL A 12 17.45 23.07 18.10
C VAL A 12 16.93 21.62 18.06
N PRO A 13 17.04 20.90 16.91
CA PRO A 13 16.50 19.55 16.78
C PRO A 13 17.29 18.50 17.58
N THR A 14 16.66 17.90 18.60
CA THR A 14 17.28 16.99 19.60
C THR A 14 16.99 15.52 19.24
N ALA A 15 17.79 14.60 19.77
CA ALA A 15 17.75 13.14 19.48
C ALA A 15 16.38 12.56 19.85
N ARG A 16 15.89 11.62 19.04
CA ARG A 16 14.60 10.90 19.20
C ARG A 16 14.90 9.41 19.40
N GLY A 17 13.94 8.65 19.95
CA GLY A 17 14.01 7.17 20.03
C GLY A 17 14.26 6.56 18.66
N MET A 18 14.77 5.34 18.61
CA MET A 18 15.19 4.67 17.35
C MET A 18 14.05 3.77 16.85
N ILE A 19 13.65 3.93 15.57
CA ILE A 19 12.66 3.06 14.89
C ILE A 19 13.43 1.96 14.15
N SER A 20 13.13 0.70 14.46
CA SER A 20 13.71 -0.50 13.82
C SER A 20 12.60 -1.38 13.26
N ASP A 21 12.97 -2.31 12.38
CA ASP A 21 12.06 -3.34 11.81
C ASP A 21 11.98 -4.51 12.80
N ARG A 22 11.18 -5.54 12.48
CA ARG A 22 10.81 -6.65 13.38
C ARG A 22 12.05 -7.38 13.95
N SER A 23 13.21 -7.32 13.28
CA SER A 23 14.46 -8.03 13.67
C SER A 23 15.52 -7.07 14.24
N GLY A 24 15.24 -5.77 14.31
CA GLY A 24 16.14 -4.76 14.90
C GLY A 24 17.01 -4.06 13.87
N ARG A 25 16.63 -4.06 12.58
CA ARG A 25 17.34 -3.29 11.52
C ARG A 25 16.92 -1.83 11.62
N PRO A 26 17.86 -0.88 11.80
CA PRO A 26 17.50 0.52 12.00
C PRO A 26 16.82 1.11 10.75
N LEU A 27 15.75 1.88 10.95
CA LEU A 27 15.02 2.60 9.86
C LEU A 27 15.00 4.12 10.14
N ALA A 28 14.96 4.53 11.40
CA ALA A 28 15.02 5.95 11.82
C ALA A 28 16.01 6.08 12.97
N VAL A 29 17.11 6.82 12.75
CA VAL A 29 18.24 6.98 13.70
C VAL A 29 18.57 8.47 13.83
N SER A 30 18.77 8.94 15.07
CA SER A 30 19.21 10.30 15.41
C SER A 30 20.75 10.33 15.44
N VAL A 31 21.37 11.03 14.50
CA VAL A 31 22.86 11.08 14.34
C VAL A 31 23.36 12.50 14.61
N PRO A 32 24.39 12.67 15.47
CA PRO A 32 24.94 13.98 15.76
C PRO A 32 25.77 14.51 14.58
N VAL A 33 25.48 15.73 14.13
CA VAL A 33 26.10 16.35 12.91
C VAL A 33 26.36 17.83 13.16
N ASN A 34 27.17 18.45 12.30
CA ASN A 34 27.19 19.91 12.05
C ASN A 34 26.38 20.15 10.77
N ALA A 35 25.39 21.05 10.82
CA ALA A 35 24.46 21.36 9.70
C ALA A 35 24.63 22.82 9.29
N VAL A 36 24.34 23.13 8.02
CA VAL A 36 24.43 24.51 7.46
C VAL A 36 23.01 24.96 7.11
N TRP A 37 22.58 26.06 7.73
CA TRP A 37 21.26 26.70 7.46
C TRP A 37 21.49 28.18 7.16
N ALA A 38 20.57 28.77 6.40
CA ALA A 38 20.55 30.21 6.08
C ALA A 38 19.35 30.82 6.80
N ASP A 39 19.51 32.02 7.34
CA ASP A 39 18.41 32.89 7.86
C ASP A 39 17.96 33.77 6.71
N PRO A 40 17.07 33.31 5.82
CA PRO A 40 16.86 34.00 4.56
C PRO A 40 16.54 35.49 4.75
N LYS A 41 15.69 35.85 5.73
CA LYS A 41 15.35 37.26 6.03
C LYS A 41 16.64 38.05 6.29
N GLU A 42 17.42 37.58 7.27
CA GLU A 42 18.65 38.29 7.73
C GLU A 42 19.68 38.34 6.60
N LEU A 43 19.68 37.35 5.72
CA LEU A 43 20.62 37.23 4.57
C LEU A 43 20.27 38.28 3.51
N ILE A 44 18.99 38.44 3.19
CA ILE A 44 18.51 39.30 2.06
C ILE A 44 18.59 40.78 2.47
N GLU A 45 18.34 41.09 3.76
CA GLU A 45 18.48 42.47 4.32
C GLU A 45 19.94 42.93 4.23
N GLN A 46 20.88 42.01 4.46
CA GLN A 46 22.34 42.27 4.56
C GLN A 46 22.99 42.23 3.18
N GLY A 47 22.21 42.49 2.11
CA GLY A 47 22.69 42.63 0.72
C GLY A 47 22.46 41.37 -0.11
N GLY A 48 21.95 40.30 0.50
CA GLY A 48 21.59 39.05 -0.19
C GLY A 48 22.78 38.41 -0.88
N ILE A 49 22.53 37.59 -1.90
CA ILE A 49 23.59 36.97 -2.75
C ILE A 49 23.99 38.03 -3.78
N SER A 50 25.07 38.77 -3.48
CA SER A 50 25.59 39.86 -4.32
C SER A 50 26.70 39.32 -5.24
N LEU A 51 27.43 40.23 -5.91
CA LEU A 51 28.59 39.92 -6.78
C LEU A 51 29.77 39.42 -5.94
N ASP A 52 29.71 39.63 -4.62
CA ASP A 52 30.74 39.21 -3.63
C ASP A 52 31.12 37.75 -3.86
N THR A 53 32.43 37.50 -3.93
CA THR A 53 33.09 36.23 -4.39
C THR A 53 32.98 35.14 -3.32
N ARG A 54 32.70 35.51 -2.06
CA ARG A 54 32.52 34.55 -0.93
C ARG A 54 31.29 33.66 -1.18
N TRP A 55 30.25 34.18 -1.87
CA TRP A 55 29.01 33.45 -2.21
C TRP A 55 29.32 32.28 -3.14
N LYS A 56 30.19 32.49 -4.13
CA LYS A 56 30.61 31.44 -5.09
C LYS A 56 31.47 30.42 -4.34
N ALA A 57 32.22 30.88 -3.33
CA ALA A 57 33.08 30.04 -2.48
C ALA A 57 32.20 29.08 -1.66
N LEU A 58 31.05 29.57 -1.19
CA LEU A 58 30.02 28.79 -0.46
C LEU A 58 29.41 27.75 -1.42
N SER A 59 28.91 28.22 -2.58
CA SER A 59 28.30 27.35 -3.62
C SER A 59 29.21 26.15 -3.88
N ASP A 60 30.47 26.41 -4.26
CA ASP A 60 31.47 25.38 -4.65
C ASP A 60 31.73 24.43 -3.46
N ALA A 61 31.81 24.98 -2.25
CA ALA A 61 32.07 24.22 -0.99
C ALA A 61 30.85 23.36 -0.63
N LEU A 62 29.63 23.84 -0.89
CA LEU A 62 28.38 23.07 -0.66
C LEU A 62 28.09 22.14 -1.84
N GLU A 63 28.84 22.27 -2.94
CA GLU A 63 28.57 21.64 -4.27
C GLU A 63 27.11 21.90 -4.68
N ILE A 64 26.66 23.14 -4.53
CA ILE A 64 25.30 23.61 -4.95
C ILE A 64 25.49 24.88 -5.77
N PRO A 65 25.19 24.88 -7.10
CA PRO A 65 25.43 26.06 -7.93
C PRO A 65 24.61 27.23 -7.42
N LEU A 66 24.99 28.46 -7.78
CA LEU A 66 24.43 29.73 -7.23
C LEU A 66 22.92 29.83 -7.47
N ASP A 67 22.46 29.51 -8.69
CA ASP A 67 21.02 29.60 -9.10
C ASP A 67 20.16 28.82 -8.08
N GLN A 68 20.51 27.55 -7.84
CA GLN A 68 19.91 26.64 -6.82
C GLN A 68 19.91 27.32 -5.44
N LEU A 69 21.06 27.90 -5.07
CA LEU A 69 21.30 28.52 -3.76
C LEU A 69 20.41 29.77 -3.61
N ALA A 70 20.28 30.58 -4.66
CA ALA A 70 19.42 31.79 -4.67
C ALA A 70 17.95 31.37 -4.52
N THR A 71 17.51 30.34 -5.27
CA THR A 71 16.15 29.74 -5.21
C THR A 71 15.80 29.35 -3.77
N ARG A 72 16.69 28.60 -3.11
CA ARG A 72 16.53 28.08 -1.73
C ARG A 72 16.15 29.21 -0.76
N ILE A 73 16.80 30.38 -0.90
CA ILE A 73 16.75 31.52 0.06
C ILE A 73 15.59 32.46 -0.32
N ASN A 74 15.27 32.56 -1.61
CA ASN A 74 14.23 33.49 -2.15
C ASN A 74 12.82 32.89 -1.96
N ALA A 75 12.73 31.58 -1.69
CA ALA A 75 11.45 30.85 -1.49
C ALA A 75 10.69 31.43 -0.29
N ASN A 76 11.34 31.50 0.88
CA ASN A 76 10.77 31.99 2.16
C ASN A 76 11.54 33.24 2.59
N PRO A 77 11.36 34.39 1.88
CA PRO A 77 12.25 35.54 2.03
C PRO A 77 12.39 36.10 3.46
N LYS A 78 11.29 36.10 4.23
CA LYS A 78 11.22 36.61 5.62
C LYS A 78 11.31 35.44 6.62
N GLY A 79 11.59 34.23 6.12
CA GLY A 79 11.82 33.02 6.93
C GLY A 79 13.04 33.15 7.82
N ARG A 80 13.10 32.37 8.90
CA ARG A 80 14.17 32.44 9.93
C ARG A 80 15.01 31.15 9.88
N PHE A 81 14.69 30.21 8.98
CA PHE A 81 15.42 28.91 8.85
C PHE A 81 15.15 28.23 7.50
N VAL A 82 16.23 27.96 6.75
CA VAL A 82 16.23 27.02 5.59
C VAL A 82 17.55 26.24 5.60
N TYR A 83 17.49 24.90 5.61
CA TYR A 83 18.66 24.00 5.46
C TYR A 83 19.32 24.23 4.10
N LEU A 84 20.66 24.29 4.10
CA LEU A 84 21.54 24.24 2.89
C LEU A 84 22.27 22.89 2.85
N ALA A 85 22.61 22.33 4.02
CA ALA A 85 23.19 20.98 4.18
C ALA A 85 22.85 20.44 5.57
N ARG A 86 22.23 19.27 5.64
CA ARG A 86 21.88 18.59 6.92
C ARG A 86 23.18 18.16 7.62
N GLN A 87 24.24 17.97 6.84
CA GLN A 87 25.48 17.26 7.24
C GLN A 87 26.66 17.86 6.46
N VAL A 88 27.73 18.22 7.16
CA VAL A 88 29.03 18.62 6.53
C VAL A 88 30.15 18.36 7.54
N ASN A 89 31.31 17.89 7.04
CA ASN A 89 32.50 17.54 7.86
C ASN A 89 33.10 18.81 8.45
N PRO A 90 33.74 18.75 9.64
CA PRO A 90 34.44 19.89 10.23
C PRO A 90 35.19 20.79 9.23
N ALA A 91 35.97 20.20 8.32
CA ALA A 91 36.83 20.90 7.32
C ALA A 91 36.00 21.93 6.55
N ILE A 92 34.92 21.45 5.92
CA ILE A 92 33.96 22.28 5.11
C ILE A 92 33.23 23.26 6.04
N GLY A 93 32.69 22.74 7.15
CA GLY A 93 31.94 23.50 8.17
C GLY A 93 32.77 24.64 8.75
N ASP A 94 34.06 24.42 8.94
CA ASP A 94 35.02 25.43 9.46
C ASP A 94 35.26 26.51 8.40
N TYR A 95 35.29 26.13 7.12
CA TYR A 95 35.62 27.02 5.97
C TYR A 95 34.44 27.95 5.69
N ILE A 96 33.20 27.45 5.78
CA ILE A 96 31.95 28.24 5.61
C ILE A 96 31.83 29.24 6.77
N ARG A 97 32.17 28.83 7.99
CA ARG A 97 32.20 29.70 9.19
C ARG A 97 33.14 30.88 8.94
N LYS A 98 34.33 30.61 8.39
CA LYS A 98 35.44 31.58 8.21
C LYS A 98 35.15 32.53 7.03
N LEU A 99 34.11 32.24 6.25
CA LEU A 99 33.64 33.12 5.15
C LEU A 99 32.93 34.36 5.73
N LYS A 100 32.43 34.26 6.96
CA LYS A 100 31.77 35.36 7.73
C LYS A 100 30.60 35.93 6.91
N LEU A 101 29.90 35.07 6.17
CA LEU A 101 28.73 35.46 5.35
C LEU A 101 27.55 35.71 6.29
N PRO A 102 26.97 36.93 6.28
CA PRO A 102 25.84 37.23 7.16
C PRO A 102 24.62 36.44 6.67
N GLY A 103 23.87 35.82 7.60
CA GLY A 103 22.71 34.96 7.31
C GLY A 103 23.09 33.49 7.16
N ILE A 104 24.39 33.18 7.14
CA ILE A 104 24.94 31.80 7.03
C ILE A 104 25.30 31.33 8.44
N HIS A 105 24.87 30.11 8.80
CA HIS A 105 25.03 29.55 10.17
C HIS A 105 25.49 28.09 10.11
N LEU A 106 26.45 27.74 10.96
CA LEU A 106 26.75 26.35 11.38
C LEU A 106 26.11 26.13 12.76
N ARG A 107 25.51 24.96 12.99
CA ARG A 107 25.12 24.49 14.35
C ARG A 107 25.21 22.95 14.40
N GLN A 108 25.66 22.42 15.55
CA GLN A 108 25.59 20.98 15.88
C GLN A 108 24.14 20.64 16.23
N GLU A 109 23.59 19.58 15.62
CA GLU A 109 22.22 19.08 15.91
C GLU A 109 22.21 17.57 15.71
N SER A 110 21.06 16.94 15.96
CA SER A 110 20.77 15.52 15.68
C SER A 110 20.00 15.47 14.36
N ARG A 111 20.52 14.74 13.37
CA ARG A 111 19.87 14.55 12.06
C ARG A 111 19.03 13.27 12.15
N ARG A 112 17.72 13.39 11.95
CA ARG A 112 16.84 12.22 11.80
C ARG A 112 17.18 11.58 10.45
N TYR A 113 17.96 10.50 10.47
CA TYR A 113 18.51 9.84 9.25
C TYR A 113 17.77 8.51 9.00
N TYR A 114 17.40 8.27 7.74
CA TYR A 114 16.61 7.11 7.28
C TYR A 114 17.49 6.20 6.42
N PRO A 115 18.11 5.15 6.99
CA PRO A 115 19.00 4.26 6.23
C PRO A 115 18.32 3.39 5.17
N ALA A 116 16.99 3.22 5.22
CA ALA A 116 16.20 2.46 4.21
C ALA A 116 15.70 3.42 3.11
N GLY A 117 15.76 4.73 3.34
CA GLY A 117 15.54 5.79 2.34
C GLY A 117 14.10 5.87 1.86
N GLN A 118 13.91 5.85 0.53
CA GLN A 118 12.60 6.06 -0.15
C GLN A 118 11.72 4.81 0.03
N VAL A 119 12.32 3.67 0.41
CA VAL A 119 11.68 2.31 0.50
C VAL A 119 10.65 2.30 1.65
N MET A 120 11.04 2.73 2.85
CA MET A 120 10.14 2.79 4.05
C MET A 120 9.45 4.15 4.14
N ALA A 121 9.79 5.10 3.26
CA ALA A 121 9.49 6.55 3.44
C ALA A 121 8.05 6.74 3.94
N HIS A 122 7.08 6.11 3.28
CA HIS A 122 5.64 6.30 3.55
C HIS A 122 5.28 5.77 4.95
N ILE A 123 5.84 4.63 5.36
CA ILE A 123 5.59 3.99 6.70
C ILE A 123 6.17 4.87 7.81
N ILE A 124 7.45 5.24 7.69
CA ILE A 124 8.23 5.96 8.73
C ILE A 124 7.79 7.42 8.73
N GLY A 125 7.86 8.07 7.56
CA GLY A 125 7.60 9.51 7.39
C GLY A 125 8.85 10.32 7.69
N VAL A 126 8.67 11.59 8.03
CA VAL A 126 9.79 12.54 8.32
C VAL A 126 9.39 13.46 9.48
N THR A 127 10.29 14.35 9.86
CA THR A 127 10.08 15.42 10.87
C THR A 127 10.11 16.78 10.18
N ASN A 128 9.51 17.78 10.83
CA ASN A 128 9.58 19.20 10.39
C ASN A 128 10.92 19.78 10.83
N ILE A 129 11.18 21.02 10.42
CA ILE A 129 12.38 21.83 10.77
C ILE A 129 12.62 21.80 12.29
N ASP A 130 11.59 22.02 13.10
CA ASP A 130 11.70 22.09 14.59
C ASP A 130 12.07 20.72 15.15
N GLY A 131 11.73 19.62 14.46
CA GLY A 131 12.10 18.24 14.84
C GLY A 131 10.92 17.42 15.33
N GLN A 132 9.69 17.85 15.01
CA GLN A 132 8.43 17.13 15.34
C GLN A 132 8.02 16.28 14.13
N GLY A 133 7.60 15.03 14.36
CA GLY A 133 7.05 14.15 13.30
C GLY A 133 5.81 14.79 12.68
N ILE A 134 5.75 14.84 11.34
CA ILE A 134 4.62 15.45 10.59
C ILE A 134 3.92 14.40 9.69
N GLU A 135 4.45 13.18 9.58
CA GLU A 135 3.87 12.12 8.70
C GLU A 135 4.31 10.73 9.17
N GLY A 136 3.46 9.73 8.89
CA GLY A 136 3.69 8.31 9.15
C GLY A 136 3.91 8.00 10.62
N VAL A 137 4.68 6.95 10.88
CA VAL A 137 5.06 6.47 12.24
C VAL A 137 5.74 7.62 13.00
N GLU A 138 6.62 8.36 12.32
CA GLU A 138 7.38 9.50 12.92
C GLU A 138 6.39 10.45 13.60
N LYS A 139 5.29 10.82 12.93
CA LYS A 139 4.19 11.60 13.56
C LYS A 139 3.44 10.70 14.55
N SER A 140 2.91 9.58 14.05
CA SER A 140 1.97 8.66 14.75
C SER A 140 2.45 8.32 16.17
N PHE A 141 3.76 8.19 16.38
CA PHE A 141 4.39 7.84 17.67
C PHE A 141 5.30 8.98 18.16
N ASP A 142 5.04 10.23 17.73
CA ASP A 142 5.99 11.36 17.91
C ASP A 142 6.34 11.52 19.40
N ARG A 143 5.33 11.54 20.26
CA ARG A 143 5.45 11.80 21.72
C ARG A 143 6.31 10.68 22.35
N TRP A 144 5.92 9.43 22.11
CA TRP A 144 6.63 8.19 22.49
C TRP A 144 8.13 8.32 22.16
N LEU A 145 8.45 8.80 20.96
CA LEU A 145 9.84 8.88 20.42
C LEU A 145 10.60 10.06 21.04
N THR A 146 9.94 11.21 21.27
CA THR A 146 10.59 12.47 21.75
C THR A 146 10.85 12.38 23.25
N GLY A 147 11.95 12.99 23.71
CA GLY A 147 12.33 13.09 25.13
C GLY A 147 13.16 14.33 25.41
N ALA A 173 10.94 8.74 28.90
CA ALA A 173 10.26 9.75 28.03
C ALA A 173 10.43 9.36 26.55
N ALA A 174 11.67 9.31 26.07
CA ALA A 174 12.02 8.87 24.68
C ALA A 174 12.19 7.35 24.67
N HIS A 175 11.55 6.67 23.72
CA HIS A 175 11.43 5.19 23.62
C HIS A 175 11.83 4.72 22.22
N ASN A 176 12.56 3.60 22.12
CA ASN A 176 12.77 2.90 20.82
C ASN A 176 11.45 2.28 20.39
N LEU A 177 11.25 2.14 19.08
CA LEU A 177 10.04 1.57 18.45
C LEU A 177 10.46 0.34 17.64
N VAL A 178 9.80 -0.80 17.83
CA VAL A 178 10.02 -2.03 17.03
C VAL A 178 8.79 -2.22 16.13
N LEU A 179 8.93 -1.95 14.83
CA LEU A 179 7.82 -2.10 13.85
C LEU A 179 7.59 -3.60 13.56
N SER A 180 6.42 -3.92 13.01
CA SER A 180 6.03 -5.28 12.54
C SER A 180 6.64 -5.56 11.16
N VAL A 181 7.08 -4.52 10.45
CA VAL A 181 7.59 -4.58 9.04
C VAL A 181 8.96 -5.27 9.01
N ASP A 182 9.32 -5.89 7.88
CA ASP A 182 10.65 -6.51 7.64
C ASP A 182 11.31 -5.73 6.50
N GLU A 183 12.54 -5.23 6.71
CA GLU A 183 13.26 -4.32 5.77
C GLU A 183 13.54 -5.09 4.46
N ARG A 184 14.00 -6.34 4.55
CA ARG A 184 14.29 -7.22 3.39
C ARG A 184 13.03 -7.34 2.53
N LEU A 185 11.86 -7.52 3.15
CA LEU A 185 10.57 -7.79 2.46
C LEU A 185 9.99 -6.47 1.94
N GLN A 186 10.17 -5.37 2.67
CA GLN A 186 9.79 -4.00 2.21
C GLN A 186 10.63 -3.65 0.96
N ALA A 187 11.93 -3.96 1.00
CA ALA A 187 12.89 -3.75 -0.10
C ALA A 187 12.42 -4.53 -1.33
N LEU A 188 12.09 -5.82 -1.15
CA LEU A 188 11.59 -6.69 -2.25
C LEU A 188 10.25 -6.17 -2.77
N VAL A 189 9.29 -5.95 -1.87
CA VAL A 189 7.95 -5.43 -2.23
C VAL A 189 8.11 -4.13 -3.02
N TYR A 190 8.71 -3.10 -2.41
CA TYR A 190 8.79 -1.74 -3.00
C TYR A 190 9.49 -1.81 -4.36
N ARG A 191 10.56 -2.59 -4.48
CA ARG A 191 11.42 -2.64 -5.70
C ARG A 191 10.60 -3.21 -6.88
N GLU A 192 9.79 -4.23 -6.63
CA GLU A 192 8.94 -4.87 -7.67
C GLU A 192 7.83 -3.88 -8.07
N LEU A 193 7.26 -3.18 -7.09
CA LEU A 193 6.12 -2.25 -7.27
C LEU A 193 6.58 -1.03 -8.09
N ASN A 194 7.59 -0.33 -7.58
CA ASN A 194 8.17 0.90 -8.15
C ASN A 194 8.49 0.67 -9.63
N ASN A 195 9.27 -0.38 -9.91
CA ASN A 195 9.66 -0.83 -11.28
C ASN A 195 8.38 -0.97 -12.12
N ALA A 196 7.45 -1.84 -11.71
CA ALA A 196 6.20 -2.14 -12.45
C ALA A 196 5.37 -0.87 -12.66
N VAL A 197 5.35 0.04 -11.70
CA VAL A 197 4.57 1.32 -11.81
C VAL A 197 5.23 2.21 -12.87
N ALA A 198 6.56 2.15 -13.02
CA ALA A 198 7.33 2.92 -14.02
C ALA A 198 7.12 2.32 -15.43
N PHE A 199 7.19 0.99 -15.53
CA PHE A 199 7.09 0.21 -16.81
C PHE A 199 5.71 0.43 -17.45
N ASN A 200 4.68 0.55 -16.61
CA ASN A 200 3.25 0.64 -17.02
C ASN A 200 2.79 2.11 -17.02
N LYS A 201 3.70 3.05 -16.78
CA LYS A 201 3.44 4.52 -16.80
C LYS A 201 2.15 4.78 -16.03
N ALA A 202 2.07 4.20 -14.83
CA ALA A 202 0.90 4.24 -13.91
C ALA A 202 0.95 5.54 -13.10
N GLU A 203 -0.22 6.04 -12.70
CA GLU A 203 -0.37 7.20 -11.78
C GLU A 203 0.30 6.85 -10.45
N SER A 204 0.04 5.63 -9.95
CA SER A 204 0.60 5.12 -8.69
C SER A 204 0.42 3.60 -8.62
N GLY A 205 1.00 3.00 -7.59
CA GLY A 205 0.75 1.61 -7.19
C GLY A 205 0.87 1.50 -5.68
N THR A 206 0.34 0.44 -5.10
CA THR A 206 0.61 0.08 -3.68
C THR A 206 0.55 -1.45 -3.57
N ALA A 207 1.47 -1.99 -2.77
CA ALA A 207 1.55 -3.42 -2.40
C ALA A 207 1.48 -3.50 -0.87
N VAL A 208 0.56 -4.30 -0.36
CA VAL A 208 0.46 -4.61 1.11
C VAL A 208 0.65 -6.12 1.29
N LEU A 209 1.55 -6.49 2.21
CA LEU A 209 1.86 -7.89 2.61
C LEU A 209 1.55 -8.05 4.09
N VAL A 210 0.66 -8.98 4.43
CA VAL A 210 0.17 -9.21 5.82
C VAL A 210 0.43 -10.67 6.21
N ASP A 211 0.93 -10.87 7.44
CA ASP A 211 1.04 -12.18 8.10
C ASP A 211 -0.39 -12.69 8.35
N VAL A 212 -0.68 -13.89 7.86
CA VAL A 212 -2.03 -14.52 7.92
C VAL A 212 -2.42 -14.84 9.38
N ASN A 213 -1.42 -15.14 10.23
CA ASN A 213 -1.64 -15.73 11.58
C ASN A 213 -1.57 -14.66 12.69
N THR A 214 -0.81 -13.58 12.48
CA THR A 214 -0.51 -12.54 13.51
C THR A 214 -1.23 -11.22 13.18
N GLY A 215 -1.63 -11.01 11.92
CA GLY A 215 -2.23 -9.75 11.44
C GLY A 215 -1.18 -8.64 11.29
N GLU A 216 0.09 -8.98 11.51
CA GLU A 216 1.21 -8.02 11.39
C GLU A 216 1.34 -7.58 9.93
N VAL A 217 1.61 -6.29 9.70
CA VAL A 217 1.95 -5.73 8.36
C VAL A 217 3.46 -5.90 8.17
N LEU A 218 3.85 -6.85 7.31
CA LEU A 218 5.26 -7.21 7.03
C LEU A 218 5.85 -6.26 5.98
N ALA A 219 5.01 -5.75 5.07
CA ALA A 219 5.43 -4.81 4.02
C ALA A 219 4.26 -3.91 3.62
N MET A 220 4.54 -2.62 3.38
CA MET A 220 3.56 -1.60 2.93
C MET A 220 4.29 -0.53 2.12
N ALA A 221 4.24 -0.63 0.79
CA ALA A 221 5.00 0.22 -0.15
C ALA A 221 4.06 0.93 -1.12
N ASN A 222 4.49 2.09 -1.61
CA ASN A 222 3.77 2.92 -2.61
C ASN A 222 4.78 3.45 -3.64
N SER A 223 4.37 3.51 -4.89
CA SER A 223 5.07 4.23 -5.98
C SER A 223 4.09 5.19 -6.63
N PRO A 224 4.42 6.49 -6.80
CA PRO A 224 5.73 7.03 -6.47
C PRO A 224 6.02 7.26 -4.98
N SER A 225 7.30 7.28 -4.62
CA SER A 225 7.77 7.57 -3.24
C SER A 225 8.46 8.93 -3.24
N TYR A 226 9.32 9.17 -2.24
CA TYR A 226 10.13 10.41 -2.08
C TYR A 226 11.36 10.04 -1.27
N ASN A 227 12.41 10.87 -1.36
CA ASN A 227 13.64 10.69 -0.54
C ASN A 227 13.52 11.55 0.72
N PRO A 228 13.46 10.93 1.91
CA PRO A 228 13.26 11.64 3.17
C PRO A 228 14.56 12.18 3.77
N ASN A 229 15.70 11.88 3.15
CA ASN A 229 17.06 12.21 3.64
C ASN A 229 17.57 13.53 3.03
N ASN A 230 17.07 13.92 1.85
CA ASN A 230 17.71 14.97 1.02
C ASN A 230 17.03 16.33 1.27
N LEU A 231 17.56 17.39 0.66
CA LEU A 231 17.12 18.80 0.81
C LEU A 231 15.97 19.11 -0.16
N THR A 232 15.90 18.37 -1.28
CA THR A 232 14.90 18.48 -2.38
C THR A 232 14.66 19.97 -2.71
N ALA A 238 3.30 13.10 -4.14
CA ALA A 238 2.57 12.38 -3.08
C ALA A 238 3.51 12.10 -1.90
N MET A 239 3.11 12.51 -0.69
CA MET A 239 3.80 12.20 0.59
C MET A 239 2.83 11.46 1.53
N ARG A 240 1.54 11.40 1.15
CA ARG A 240 0.49 10.62 1.86
C ARG A 240 0.67 9.13 1.51
N ASN A 241 0.47 8.28 2.51
CA ASN A 241 0.56 6.80 2.39
C ASN A 241 -0.70 6.30 1.68
N ARG A 242 -0.63 6.07 0.36
CA ARG A 242 -1.79 5.69 -0.48
C ARG A 242 -2.45 4.41 0.06
N ALA A 243 -1.69 3.52 0.70
CA ALA A 243 -2.17 2.21 1.23
C ALA A 243 -3.26 2.42 2.29
N ILE A 244 -3.27 3.57 2.99
CA ILE A 244 -4.29 3.91 4.03
C ILE A 244 -5.15 5.11 3.60
N THR A 245 -4.83 5.82 2.51
CA THR A 245 -5.59 7.05 2.14
C THR A 245 -6.31 6.88 0.79
N ASP A 246 -5.69 6.31 -0.23
CA ASP A 246 -6.45 5.92 -1.45
C ASP A 246 -7.58 5.00 -0.99
N ILE A 247 -8.83 5.36 -1.27
CA ILE A 247 -9.96 4.39 -1.18
C ILE A 247 -10.46 4.13 -2.60
N PHE A 248 -10.54 2.86 -2.98
CA PHE A 248 -10.86 2.38 -4.35
C PHE A 248 -12.01 1.40 -4.30
N GLU A 249 -12.79 1.34 -5.39
CA GLU A 249 -13.72 0.22 -5.66
C GLU A 249 -12.90 -1.06 -5.85
N PRO A 250 -13.16 -2.13 -5.06
CA PRO A 250 -12.36 -3.35 -5.08
C PRO A 250 -12.49 -4.18 -6.37
N GLY A 251 -13.60 -4.02 -7.09
CA GLY A 251 -13.85 -4.75 -8.35
C GLY A 251 -13.85 -6.26 -8.12
N SER A 252 -13.37 -7.02 -9.11
CA SER A 252 -13.52 -8.47 -9.12
C SER A 252 -12.81 -9.23 -8.00
N THR A 253 -12.02 -8.53 -7.18
CA THR A 253 -11.34 -9.11 -6.03
C THR A 253 -12.33 -9.54 -4.92
N VAL A 254 -13.56 -9.03 -4.93
CA VAL A 254 -14.63 -9.38 -3.94
C VAL A 254 -15.13 -10.81 -4.17
N LYS A 255 -15.04 -11.32 -5.41
CA LYS A 255 -15.77 -12.52 -5.91
C LYS A 255 -15.57 -13.73 -5.03
N PRO A 256 -14.36 -13.98 -4.46
CA PRO A 256 -14.18 -15.08 -3.53
C PRO A 256 -15.13 -15.04 -2.32
N MET A 257 -15.55 -13.85 -1.87
CA MET A 257 -16.54 -13.69 -0.77
C MET A 257 -17.97 -13.92 -1.28
N VAL A 258 -18.24 -13.65 -2.56
CA VAL A 258 -19.58 -13.92 -3.17
C VAL A 258 -19.78 -15.44 -3.20
N VAL A 259 -18.77 -16.17 -3.67
CA VAL A 259 -18.78 -17.66 -3.76
C VAL A 259 -18.97 -18.23 -2.35
N MET A 260 -18.29 -17.68 -1.35
CA MET A 260 -18.39 -18.13 0.06
C MET A 260 -19.82 -17.98 0.55
N THR A 261 -20.43 -16.80 0.38
CA THR A 261 -21.80 -16.49 0.84
C THR A 261 -22.77 -17.50 0.20
N ALA A 262 -22.70 -17.68 -1.12
CA ALA A 262 -23.63 -18.52 -1.92
C ALA A 262 -23.54 -19.98 -1.48
N LEU A 263 -22.34 -20.47 -1.17
CA LEU A 263 -22.12 -21.84 -0.61
C LEU A 263 -22.86 -21.97 0.74
N GLN A 264 -22.63 -21.03 1.67
CA GLN A 264 -23.25 -21.04 3.02
C GLN A 264 -24.78 -20.97 2.92
N HIS A 265 -25.30 -20.13 2.02
CA HIS A 265 -26.76 -19.91 1.81
C HIS A 265 -27.38 -21.09 1.05
N GLY A 266 -26.58 -22.09 0.67
CA GLY A 266 -27.03 -23.30 -0.05
C GLY A 266 -27.60 -22.97 -1.42
N VAL A 267 -27.23 -21.81 -1.98
CA VAL A 267 -27.67 -21.33 -3.32
C VAL A 267 -27.05 -22.23 -4.40
N VAL A 268 -25.82 -22.69 -4.15
CA VAL A 268 -25.02 -23.56 -5.07
C VAL A 268 -24.25 -24.58 -4.21
N LYS A 269 -23.59 -25.53 -4.89
CA LYS A 269 -22.65 -26.51 -4.30
C LYS A 269 -21.35 -26.46 -5.12
N GLU A 270 -20.21 -26.85 -4.53
CA GLU A 270 -18.86 -26.73 -5.16
C GLU A 270 -18.93 -26.98 -6.66
N ASN A 271 -19.54 -28.11 -7.05
CA ASN A 271 -19.46 -28.68 -8.42
C ASN A 271 -20.66 -28.22 -9.25
N SER A 272 -21.42 -27.21 -8.77
CA SER A 272 -22.57 -26.59 -9.48
C SER A 272 -22.11 -25.88 -10.77
N VAL A 273 -23.03 -25.75 -11.74
CA VAL A 273 -22.77 -25.17 -13.09
C VAL A 273 -23.91 -24.19 -13.43
N LEU A 274 -23.55 -22.91 -13.65
CA LEU A 274 -24.48 -21.78 -13.92
C LEU A 274 -24.39 -21.37 -15.39
N ASN A 275 -25.54 -21.07 -16.01
CA ASN A 275 -25.64 -20.38 -17.32
C ASN A 275 -24.97 -19.01 -17.19
N THR A 276 -23.92 -18.74 -17.97
CA THR A 276 -23.09 -17.51 -17.88
C THR A 276 -23.25 -16.67 -19.16
N LEU A 277 -24.33 -16.89 -19.92
CA LEU A 277 -24.66 -16.11 -21.13
C LEU A 277 -25.10 -14.70 -20.73
N PRO A 278 -24.98 -13.70 -21.63
CA PRO A 278 -25.43 -12.35 -21.33
C PRO A 278 -26.92 -12.34 -21.00
N TYR A 279 -27.32 -11.56 -19.98
CA TYR A 279 -28.75 -11.38 -19.58
C TYR A 279 -28.95 -9.96 -19.07
N PHE A 280 -30.21 -9.60 -18.80
CA PHE A 280 -30.61 -8.22 -18.41
C PHE A 280 -31.01 -8.21 -16.93
N VAL A 281 -30.61 -7.12 -16.27
CA VAL A 281 -30.88 -6.76 -14.85
C VAL A 281 -31.30 -5.28 -14.88
N ASN A 282 -32.60 -5.01 -14.70
CA ASN A 282 -33.20 -3.64 -14.74
C ASN A 282 -32.94 -2.97 -16.10
N GLY A 283 -32.81 -3.76 -17.18
CA GLY A 283 -32.59 -3.24 -18.54
C GLY A 283 -31.14 -2.90 -18.85
N HIS A 284 -30.21 -3.18 -17.92
CA HIS A 284 -28.74 -3.14 -18.12
C HIS A 284 -28.22 -4.56 -18.41
N GLN A 285 -27.36 -4.73 -19.42
CA GLN A 285 -26.79 -6.04 -19.82
C GLN A 285 -25.60 -6.37 -18.92
N ILE A 286 -25.68 -7.48 -18.17
CA ILE A 286 -24.49 -8.13 -17.54
C ILE A 286 -23.93 -9.11 -18.58
N LYS A 287 -22.76 -8.82 -19.14
CA LYS A 287 -22.04 -9.77 -20.02
C LYS A 287 -20.61 -9.94 -19.52
N ASP A 288 -20.01 -11.08 -19.87
CA ASP A 288 -18.62 -11.45 -19.48
C ASP A 288 -17.68 -11.07 -20.62
N VAL A 289 -16.42 -10.80 -20.28
CA VAL A 289 -15.30 -10.54 -21.24
C VAL A 289 -15.00 -11.84 -21.98
N ALA A 290 -14.61 -12.89 -21.23
CA ALA A 290 -14.42 -14.25 -21.74
C ALA A 290 -15.81 -14.90 -21.88
N ARG A 291 -16.31 -14.97 -23.11
CA ARG A 291 -17.67 -15.48 -23.44
C ARG A 291 -17.69 -17.00 -23.19
N TYR A 292 -18.55 -17.44 -22.27
CA TYR A 292 -18.74 -18.88 -21.90
C TYR A 292 -20.23 -19.13 -21.66
N ALA A 293 -20.75 -20.20 -22.25
CA ALA A 293 -22.18 -20.58 -22.23
C ALA A 293 -22.57 -21.00 -20.81
N GLU A 294 -21.76 -21.90 -20.23
CA GLU A 294 -21.92 -22.44 -18.86
C GLU A 294 -20.63 -22.13 -18.09
N LEU A 295 -20.61 -22.33 -16.78
CA LEU A 295 -19.37 -22.23 -15.96
C LEU A 295 -19.65 -22.81 -14.57
N SER A 296 -18.82 -23.76 -14.12
CA SER A 296 -18.82 -24.27 -12.71
C SER A 296 -18.51 -23.10 -11.76
N VAL A 297 -18.71 -23.30 -10.45
CA VAL A 297 -18.45 -22.30 -9.39
C VAL A 297 -16.94 -21.99 -9.39
N THR A 298 -16.10 -23.02 -9.49
CA THR A 298 -14.63 -22.89 -9.70
C THR A 298 -14.41 -22.00 -10.93
N GLY A 299 -15.06 -22.33 -12.04
CA GLY A 299 -14.97 -21.62 -13.33
C GLY A 299 -15.29 -20.13 -13.21
N ILE A 300 -16.22 -19.77 -12.32
CA ILE A 300 -16.66 -18.36 -12.11
C ILE A 300 -15.49 -17.52 -11.55
N LEU A 301 -14.69 -18.06 -10.64
CA LEU A 301 -13.49 -17.36 -10.10
C LEU A 301 -12.32 -17.49 -11.09
N GLN A 302 -12.23 -18.62 -11.81
CA GLN A 302 -11.14 -18.96 -12.77
C GLN A 302 -11.19 -18.02 -13.98
N LYS A 303 -12.39 -17.81 -14.53
CA LYS A 303 -12.65 -16.99 -15.75
C LYS A 303 -12.98 -15.54 -15.37
N SER A 304 -13.23 -15.30 -14.07
CA SER A 304 -13.79 -14.04 -13.54
C SER A 304 -15.12 -13.72 -14.24
N SER A 305 -16.14 -14.54 -13.97
CA SER A 305 -17.51 -14.39 -14.54
C SER A 305 -18.30 -13.34 -13.75
N ASN A 306 -18.66 -12.23 -14.40
CA ASN A 306 -19.55 -11.18 -13.84
C ASN A 306 -20.98 -11.73 -13.79
N VAL A 307 -21.44 -12.40 -14.85
CA VAL A 307 -22.79 -13.02 -14.93
C VAL A 307 -22.90 -14.04 -13.79
N GLY A 308 -21.88 -14.92 -13.68
CA GLY A 308 -21.74 -15.97 -12.65
C GLY A 308 -22.03 -15.43 -11.26
N VAL A 309 -21.29 -14.40 -10.83
CA VAL A 309 -21.39 -13.82 -9.46
C VAL A 309 -22.68 -12.98 -9.34
N SER A 310 -23.13 -12.34 -10.42
CA SER A 310 -24.39 -11.55 -10.43
C SER A 310 -25.57 -12.49 -10.15
N LYS A 311 -25.54 -13.69 -10.73
CA LYS A 311 -26.62 -14.69 -10.54
C LYS A 311 -26.57 -15.20 -9.09
N LEU A 312 -25.38 -15.29 -8.49
CA LEU A 312 -25.20 -15.78 -7.09
C LEU A 312 -25.73 -14.73 -6.10
N ALA A 313 -25.34 -13.46 -6.28
CA ALA A 313 -25.85 -12.30 -5.53
C ALA A 313 -27.39 -12.29 -5.53
N LEU A 314 -28.01 -12.39 -6.72
CA LEU A 314 -29.47 -12.15 -6.93
C LEU A 314 -30.29 -13.38 -6.53
N ALA A 315 -29.67 -14.54 -6.27
CA ALA A 315 -30.34 -15.70 -5.64
C ALA A 315 -30.29 -15.56 -4.11
N MET A 316 -29.92 -14.39 -3.60
CA MET A 316 -29.83 -14.11 -2.15
C MET A 316 -30.35 -12.71 -1.85
N PRO A 317 -30.75 -12.42 -0.58
CA PRO A 317 -31.09 -11.05 -0.17
C PRO A 317 -29.86 -10.13 -0.26
N SER A 318 -30.08 -8.86 -0.59
CA SER A 318 -29.04 -7.82 -0.72
C SER A 318 -28.16 -7.77 0.54
N SER A 319 -28.72 -8.11 1.71
CA SER A 319 -28.06 -8.01 3.05
C SER A 319 -26.94 -9.03 3.21
N ALA A 320 -26.96 -10.14 2.45
CA ALA A 320 -26.02 -11.28 2.59
C ALA A 320 -24.58 -10.82 2.26
N LEU A 321 -24.35 -10.31 1.05
CA LEU A 321 -23.00 -9.83 0.62
C LEU A 321 -22.59 -8.61 1.47
N VAL A 322 -23.57 -7.84 1.94
CA VAL A 322 -23.33 -6.67 2.83
C VAL A 322 -22.82 -7.19 4.18
N ASP A 323 -23.38 -8.30 4.67
CA ASP A 323 -22.92 -8.94 5.93
C ASP A 323 -21.53 -9.55 5.75
N THR A 324 -21.28 -10.28 4.66
CA THR A 324 -19.99 -11.00 4.45
C THR A 324 -18.84 -10.00 4.24
N TYR A 325 -19.02 -8.94 3.44
CA TYR A 325 -17.96 -7.94 3.18
C TYR A 325 -17.64 -7.23 4.49
N SER A 326 -18.67 -6.89 5.28
CA SER A 326 -18.56 -6.36 6.67
C SER A 326 -17.78 -7.34 7.54
N ARG A 327 -18.22 -8.60 7.59
CA ARG A 327 -17.56 -9.69 8.37
C ARG A 327 -16.07 -9.74 8.03
N PHE A 328 -15.71 -9.51 6.75
CA PHE A 328 -14.31 -9.56 6.26
C PHE A 328 -13.60 -8.22 6.50
N GLY A 329 -14.35 -7.19 6.88
CA GLY A 329 -13.80 -5.94 7.44
C GLY A 329 -13.89 -4.75 6.49
N PHE A 330 -14.62 -4.86 5.37
CA PHE A 330 -14.99 -3.68 4.55
C PHE A 330 -15.88 -2.77 5.40
N GLY A 331 -15.69 -1.46 5.27
CA GLY A 331 -16.44 -0.41 6.00
C GLY A 331 -16.00 -0.28 7.45
N LYS A 332 -14.83 -0.80 7.80
CA LYS A 332 -14.36 -0.86 9.20
C LYS A 332 -12.94 -0.31 9.29
N ALA A 333 -12.66 0.49 10.33
CA ALA A 333 -11.34 1.09 10.60
C ALA A 333 -10.31 -0.03 10.72
N THR A 334 -9.08 0.24 10.27
CA THR A 334 -7.91 -0.68 10.31
C THR A 334 -7.16 -0.43 11.63
N ASN A 335 -7.31 0.77 12.21
CA ASN A 335 -6.94 1.15 13.60
C ASN A 335 -5.42 1.09 13.82
N LEU A 336 -4.61 1.54 12.85
CA LEU A 336 -3.12 1.50 12.97
C LEU A 336 -2.57 2.80 13.56
N GLY A 337 -3.41 3.83 13.68
CA GLY A 337 -3.06 5.11 14.33
C GLY A 337 -2.30 6.05 13.39
N LEU A 338 -2.21 5.71 12.11
CA LEU A 338 -1.45 6.48 11.10
C LEU A 338 -2.32 7.65 10.62
N VAL A 339 -1.68 8.72 10.15
CA VAL A 339 -2.36 10.01 9.82
C VAL A 339 -3.03 9.89 8.44
N GLY A 340 -4.32 10.29 8.37
CA GLY A 340 -5.16 10.20 7.17
C GLY A 340 -5.72 8.79 6.96
N GLU A 341 -5.58 7.90 7.94
CA GLU A 341 -6.01 6.48 7.82
C GLU A 341 -7.53 6.43 7.67
N SER A 342 -8.02 6.01 6.50
CA SER A 342 -9.45 5.98 6.12
C SER A 342 -10.05 4.58 6.30
N SER A 343 -11.37 4.53 6.57
CA SER A 343 -12.19 3.30 6.66
C SER A 343 -13.07 3.18 5.40
N GLY A 344 -12.84 4.04 4.41
CA GLY A 344 -13.51 4.00 3.10
C GLY A 344 -15.02 4.25 3.21
N LEU A 345 -15.74 4.08 2.09
CA LEU A 345 -17.21 4.23 1.99
C LEU A 345 -17.85 2.85 1.80
N TYR A 346 -18.81 2.52 2.66
CA TYR A 346 -19.50 1.21 2.69
C TYR A 346 -20.99 1.40 2.89
N PRO A 347 -21.86 0.82 2.02
CA PRO A 347 -23.30 1.09 2.05
C PRO A 347 -24.02 0.64 3.32
N LYS A 348 -24.90 1.50 3.82
CA LYS A 348 -25.84 1.25 4.95
C LYS A 348 -27.28 1.48 4.45
N LYS A 349 -27.50 1.41 3.14
CA LYS A 349 -28.86 1.52 2.52
C LYS A 349 -29.58 0.17 2.69
N GLN A 350 -30.88 0.21 2.99
CA GLN A 350 -31.70 -0.97 3.37
C GLN A 350 -32.58 -1.43 2.20
N ARG A 351 -32.44 -0.81 1.01
CA ARG A 351 -33.33 -1.03 -0.16
C ARG A 351 -32.52 -0.91 -1.45
N TRP A 352 -31.98 -2.02 -1.94
CA TRP A 352 -31.10 -2.10 -3.13
C TRP A 352 -31.93 -2.38 -4.38
N SER A 353 -31.57 -1.77 -5.51
CA SER A 353 -32.01 -2.18 -6.87
C SER A 353 -31.27 -3.45 -7.26
N ASP A 354 -31.81 -4.19 -8.23
CA ASP A 354 -31.29 -5.50 -8.69
C ASP A 354 -29.93 -5.31 -9.38
N ILE A 355 -29.75 -4.19 -10.11
CA ILE A 355 -28.47 -3.83 -10.78
C ILE A 355 -27.43 -3.46 -9.71
N GLU A 356 -27.85 -2.83 -8.60
CA GLU A 356 -26.92 -2.45 -7.49
C GLU A 356 -26.38 -3.72 -6.84
N ARG A 357 -27.27 -4.65 -6.49
CA ARG A 357 -26.95 -6.01 -5.94
C ARG A 357 -25.93 -6.71 -6.85
N ALA A 358 -26.17 -6.72 -8.16
CA ALA A 358 -25.28 -7.33 -9.19
C ALA A 358 -23.91 -6.66 -9.15
N THR A 359 -23.85 -5.34 -9.31
CA THR A 359 -22.57 -4.57 -9.38
C THR A 359 -21.77 -4.79 -8.08
N PHE A 360 -22.45 -4.91 -6.93
CA PHE A 360 -21.83 -5.22 -5.61
C PHE A 360 -21.17 -6.60 -5.63
N SER A 361 -21.65 -7.53 -6.47
CA SER A 361 -21.11 -8.91 -6.60
C SER A 361 -19.82 -8.92 -7.42
N PHE A 362 -19.50 -7.85 -8.16
CA PHE A 362 -18.18 -7.70 -8.83
C PHE A 362 -17.57 -6.35 -8.43
N GLY A 363 -17.81 -5.94 -7.17
CA GLY A 363 -16.99 -4.99 -6.41
C GLY A 363 -17.23 -3.52 -6.75
N TYR A 364 -18.38 -3.15 -7.31
CA TYR A 364 -18.80 -1.74 -7.49
C TYR A 364 -19.86 -1.39 -6.43
N GLY A 365 -19.81 -0.17 -5.88
CA GLY A 365 -20.76 0.33 -4.86
C GLY A 365 -20.15 0.51 -3.47
N LEU A 366 -18.83 0.36 -3.35
CA LEU A 366 -18.08 0.53 -2.08
C LEU A 366 -16.64 0.93 -2.40
N MET A 367 -15.98 1.62 -1.47
CA MET A 367 -14.60 2.11 -1.62
C MET A 367 -13.79 1.68 -0.40
N VAL A 368 -12.63 1.07 -0.64
CA VAL A 368 -11.82 0.35 0.37
C VAL A 368 -10.36 0.78 0.19
N THR A 369 -9.58 0.82 1.27
CA THR A 369 -8.12 1.07 1.21
C THR A 369 -7.45 -0.24 0.75
N PRO A 370 -6.29 -0.18 0.07
CA PRO A 370 -5.47 -1.36 -0.16
C PRO A 370 -5.22 -2.19 1.11
N LEU A 371 -4.96 -1.52 2.24
CA LEU A 371 -4.75 -2.18 3.56
C LEU A 371 -6.01 -2.96 3.94
N GLN A 372 -7.20 -2.40 3.70
CA GLN A 372 -8.49 -3.05 4.01
C GLN A 372 -8.61 -4.35 3.20
N LEU A 373 -8.19 -4.30 1.94
CA LEU A 373 -8.24 -5.44 0.98
C LEU A 373 -7.24 -6.53 1.41
N ALA A 374 -6.09 -6.13 1.95
CA ALA A 374 -5.04 -7.05 2.44
C ALA A 374 -5.59 -7.86 3.61
N ARG A 375 -6.35 -7.20 4.49
CA ARG A 375 -6.97 -7.84 5.68
C ARG A 375 -8.04 -8.85 5.23
N VAL A 376 -8.83 -8.53 4.20
CA VAL A 376 -9.80 -9.50 3.61
C VAL A 376 -9.03 -10.78 3.25
N TYR A 377 -7.92 -10.66 2.52
CA TYR A 377 -7.14 -11.81 1.98
C TYR A 377 -6.37 -12.49 3.12
N ALA A 378 -5.98 -11.75 4.17
CA ALA A 378 -5.38 -12.28 5.41
C ALA A 378 -6.40 -13.13 6.17
N THR A 379 -7.69 -12.76 6.08
CA THR A 379 -8.84 -13.46 6.70
C THR A 379 -9.20 -14.71 5.87
N ILE A 380 -9.19 -14.59 4.54
CA ILE A 380 -9.33 -15.76 3.61
C ILE A 380 -8.21 -16.75 3.95
N GLY A 381 -6.99 -16.23 4.06
CA GLY A 381 -5.73 -16.98 4.29
C GLY A 381 -5.74 -17.74 5.60
N SER A 382 -6.32 -17.16 6.67
CA SER A 382 -6.45 -17.82 8.00
C SER A 382 -7.55 -18.89 7.97
N MET A 383 -8.22 -19.08 6.82
CA MET A 383 -9.42 -19.91 6.62
C MET A 383 -10.55 -19.39 7.53
N GLY A 384 -10.84 -18.08 7.42
CA GLY A 384 -12.04 -17.45 8.03
C GLY A 384 -11.82 -16.97 9.46
N VAL A 385 -10.62 -16.53 9.80
CA VAL A 385 -10.31 -15.93 11.14
C VAL A 385 -9.88 -14.47 10.95
N TYR A 386 -10.81 -13.54 11.19
CA TYR A 386 -10.62 -12.07 11.11
C TYR A 386 -9.75 -11.62 12.29
N ARG A 387 -8.48 -11.27 12.01
CA ARG A 387 -7.48 -10.81 13.01
C ARG A 387 -7.25 -9.31 12.85
N PRO A 388 -7.01 -8.57 13.95
CA PRO A 388 -6.59 -7.17 13.86
C PRO A 388 -5.17 -6.96 13.29
N LEU A 389 -5.00 -5.85 12.58
CA LEU A 389 -3.71 -5.40 11.99
C LEU A 389 -2.84 -4.75 13.07
N SER A 390 -1.51 -4.70 12.87
CA SER A 390 -0.57 -3.83 13.63
C SER A 390 0.68 -3.52 12.80
N ILE A 391 1.30 -2.35 13.01
CA ILE A 391 2.61 -1.92 12.39
C ILE A 391 3.74 -2.10 13.41
N THR A 392 3.49 -2.72 14.57
CA THR A 392 4.53 -2.98 15.60
C THR A 392 4.61 -4.49 15.85
N ARG A 393 5.82 -5.00 16.10
CA ARG A 393 6.05 -6.44 16.38
C ARG A 393 5.08 -6.84 17.50
N VAL A 394 4.38 -7.97 17.31
CA VAL A 394 3.43 -8.52 18.32
C VAL A 394 4.03 -9.84 18.82
N ASP A 395 3.74 -10.21 20.06
CA ASP A 395 4.07 -11.53 20.67
C ASP A 395 2.97 -12.52 20.29
N PRO A 396 3.23 -13.57 19.47
CA PRO A 396 2.18 -14.52 19.10
C PRO A 396 1.90 -15.45 20.28
N PRO A 397 0.77 -16.22 20.30
CA PRO A 397 -0.33 -16.08 19.34
C PRO A 397 -1.17 -14.79 19.44
N VAL A 398 -1.97 -14.52 18.40
CA VAL A 398 -2.93 -13.39 18.31
C VAL A 398 -4.33 -13.98 18.18
N ALA A 399 -5.22 -13.67 19.13
CA ALA A 399 -6.65 -14.04 19.07
C ALA A 399 -7.28 -13.45 17.80
N GLY A 400 -8.24 -14.15 17.21
CA GLY A 400 -9.07 -13.67 16.10
C GLY A 400 -10.52 -14.04 16.30
N GLU A 401 -11.42 -13.42 15.53
CA GLU A 401 -12.86 -13.74 15.49
C GLU A 401 -13.11 -14.63 14.26
N ARG A 402 -13.71 -15.80 14.45
CA ARG A 402 -14.21 -16.69 13.36
C ARG A 402 -15.39 -15.99 12.69
N ILE A 403 -15.36 -15.84 11.37
CA ILE A 403 -16.46 -15.19 10.58
C ILE A 403 -17.03 -16.18 9.57
N PHE A 404 -16.23 -17.11 9.05
CA PHE A 404 -16.70 -18.24 8.21
C PHE A 404 -16.09 -19.55 8.70
N PRO A 405 -16.82 -20.67 8.63
CA PRO A 405 -16.30 -21.99 9.01
C PRO A 405 -15.12 -22.42 8.12
N GLU A 406 -14.08 -23.00 8.71
CA GLU A 406 -12.77 -23.27 8.06
C GLU A 406 -12.93 -24.02 6.75
N PRO A 407 -13.72 -25.14 6.68
CA PRO A 407 -13.74 -25.98 5.48
C PRO A 407 -14.44 -25.31 4.30
N LEU A 408 -15.39 -24.41 4.60
CA LEU A 408 -16.10 -23.53 3.63
C LEU A 408 -15.07 -22.63 2.93
N VAL A 409 -14.17 -22.00 3.69
CA VAL A 409 -13.15 -21.03 3.18
C VAL A 409 -12.07 -21.81 2.40
N ARG A 410 -11.68 -22.99 2.89
CA ARG A 410 -10.57 -23.81 2.33
C ARG A 410 -10.96 -24.28 0.93
N THR A 411 -12.22 -24.70 0.76
CA THR A 411 -12.82 -25.09 -0.55
C THR A 411 -12.70 -23.93 -1.53
N VAL A 412 -12.99 -22.70 -1.10
CA VAL A 412 -12.94 -21.48 -1.97
C VAL A 412 -11.49 -21.08 -2.21
N VAL A 413 -10.62 -21.21 -1.19
CA VAL A 413 -9.17 -21.00 -1.38
C VAL A 413 -8.71 -22.00 -2.45
N HIS A 414 -9.12 -23.28 -2.36
CA HIS A 414 -8.73 -24.32 -3.35
C HIS A 414 -9.24 -23.92 -4.75
N MET A 415 -10.47 -23.40 -4.85
CA MET A 415 -11.06 -22.83 -6.10
C MET A 415 -10.15 -21.73 -6.65
N MET A 416 -9.57 -20.90 -5.78
CA MET A 416 -8.77 -19.71 -6.17
C MET A 416 -7.42 -20.14 -6.76
N GLU A 417 -7.02 -21.41 -6.61
CA GLU A 417 -5.77 -21.97 -7.21
C GLU A 417 -5.89 -22.00 -8.73
N SER A 418 -7.13 -22.06 -9.21
CA SER A 418 -7.52 -22.15 -10.64
C SER A 418 -7.07 -20.89 -11.41
N VAL A 419 -6.92 -19.75 -10.72
CA VAL A 419 -6.70 -18.43 -11.37
C VAL A 419 -5.25 -18.37 -11.91
N ALA A 420 -4.30 -18.99 -11.21
CA ALA A 420 -2.86 -19.03 -11.58
C ALA A 420 -2.49 -20.36 -12.26
N LEU A 421 -3.47 -21.25 -12.47
CA LEU A 421 -3.28 -22.50 -13.26
C LEU A 421 -3.81 -22.27 -14.67
N PRO A 422 -3.29 -22.99 -15.69
CA PRO A 422 -3.76 -22.84 -17.07
C PRO A 422 -5.28 -22.93 -17.20
N GLY A 423 -5.86 -22.07 -18.03
CA GLY A 423 -7.31 -21.79 -18.09
C GLY A 423 -7.65 -20.52 -17.32
N GLY A 424 -6.80 -20.16 -16.35
CA GLY A 424 -7.01 -19.02 -15.43
C GLY A 424 -6.52 -17.71 -16.02
N GLY A 425 -6.88 -16.58 -15.38
CA GLY A 425 -6.61 -15.22 -15.88
C GLY A 425 -5.42 -14.55 -15.20
N GLY A 426 -4.78 -15.24 -14.24
CA GLY A 426 -3.62 -14.72 -13.47
C GLY A 426 -2.46 -15.69 -13.47
N THR A 427 -2.30 -16.49 -14.53
CA THR A 427 -1.20 -17.45 -14.77
C THR A 427 0.17 -16.76 -14.60
N LYS A 428 0.26 -15.47 -14.94
CA LYS A 428 1.52 -14.67 -14.88
C LYS A 428 2.05 -14.57 -13.44
N ALA A 429 1.17 -14.77 -12.44
CA ALA A 429 1.52 -14.72 -11.00
C ALA A 429 2.04 -16.08 -10.50
N ALA A 430 1.99 -17.13 -11.32
CA ALA A 430 2.40 -18.51 -10.92
C ALA A 430 3.84 -18.47 -10.42
N ILE A 431 4.10 -19.17 -9.32
CA ILE A 431 5.44 -19.27 -8.64
C ILE A 431 5.92 -20.71 -8.77
N LYS A 432 7.16 -20.89 -9.22
CA LYS A 432 7.76 -22.23 -9.47
C LYS A 432 7.92 -22.95 -8.13
N GLY A 433 7.25 -24.09 -7.98
CA GLY A 433 7.41 -25.02 -6.84
C GLY A 433 6.44 -24.72 -5.70
N TYR A 434 5.49 -23.81 -5.91
CA TYR A 434 4.49 -23.39 -4.90
C TYR A 434 3.10 -23.33 -5.54
N ARG A 435 2.07 -23.68 -4.76
CA ARG A 435 0.63 -23.50 -5.08
C ARG A 435 0.16 -22.17 -4.48
N ILE A 436 -0.66 -21.41 -5.22
CA ILE A 436 -1.13 -20.06 -4.80
C ILE A 436 -2.64 -19.95 -5.04
N ALA A 437 -3.32 -19.21 -4.15
CA ALA A 437 -4.74 -18.85 -4.25
C ALA A 437 -4.86 -17.33 -4.43
N ILE A 438 -5.05 -16.90 -5.69
CA ILE A 438 -5.19 -15.47 -6.08
C ILE A 438 -6.55 -15.24 -6.73
N LYS A 439 -6.94 -13.96 -6.80
CA LYS A 439 -8.01 -13.45 -7.67
C LYS A 439 -7.49 -12.18 -8.35
N THR A 440 -7.59 -12.10 -9.67
CA THR A 440 -7.28 -10.87 -10.44
C THR A 440 -8.49 -9.92 -10.35
N GLY A 441 -8.27 -8.67 -10.79
CA GLY A 441 -9.32 -7.64 -10.89
C GLY A 441 -8.86 -6.53 -11.82
N THR A 442 -9.80 -6.00 -12.60
CA THR A 442 -9.63 -4.79 -13.44
C THR A 442 -10.85 -3.91 -13.17
N ALA A 443 -10.75 -2.99 -12.21
CA ALA A 443 -11.83 -2.06 -11.82
C ALA A 443 -11.82 -0.85 -12.76
N LYS A 444 -12.97 -0.49 -13.30
CA LYS A 444 -13.18 0.78 -14.03
C LYS A 444 -13.13 1.90 -13.00
N LYS A 445 -12.36 2.96 -13.29
CA LYS A 445 -12.11 4.10 -12.36
C LYS A 445 -13.28 5.09 -12.46
N VAL A 446 -13.94 5.35 -11.34
CA VAL A 446 -15.09 6.31 -11.27
C VAL A 446 -14.51 7.72 -11.09
N GLY A 447 -15.12 8.72 -11.73
CA GLY A 447 -14.59 10.10 -11.78
C GLY A 447 -15.15 10.97 -10.67
N PRO A 448 -14.92 12.31 -10.74
CA PRO A 448 -15.45 13.23 -9.73
C PRO A 448 -16.99 13.27 -9.78
N ASP A 449 -17.57 13.01 -10.96
CA ASP A 449 -19.00 13.24 -11.30
C ASP A 449 -19.78 11.91 -11.32
N GLY A 450 -19.26 10.85 -10.69
CA GLY A 450 -19.93 9.55 -10.52
C GLY A 450 -19.91 8.67 -11.76
N LYS A 451 -19.33 9.14 -12.87
CA LYS A 451 -19.35 8.43 -14.19
C LYS A 451 -18.03 7.71 -14.42
N TYR A 452 -18.08 6.57 -15.12
CA TYR A 452 -16.93 5.67 -15.33
C TYR A 452 -16.13 6.10 -16.55
N MET A 453 -14.81 6.14 -16.37
CA MET A 453 -13.81 6.45 -17.42
C MET A 453 -13.30 5.12 -17.96
N ASP A 454 -12.58 5.16 -19.09
CA ASP A 454 -11.86 3.99 -19.65
C ASP A 454 -10.42 4.06 -19.15
N ARG A 455 -10.29 4.16 -17.82
CA ARG A 455 -9.04 4.16 -17.02
C ARG A 455 -9.26 3.11 -15.92
N TYR A 456 -8.23 2.38 -15.51
CA TYR A 456 -8.41 1.11 -14.76
C TYR A 456 -7.46 1.02 -13.55
N LEU A 457 -7.92 0.31 -12.52
CA LEU A 457 -7.11 -0.21 -11.40
C LEU A 457 -6.76 -1.68 -11.67
N ALA A 458 -5.52 -1.95 -12.06
CA ALA A 458 -4.99 -3.32 -12.25
C ALA A 458 -4.71 -3.92 -10.87
N TYR A 459 -5.51 -4.94 -10.51
CA TYR A 459 -5.51 -5.63 -9.20
C TYR A 459 -4.95 -7.05 -9.34
N THR A 460 -4.19 -7.49 -8.34
CA THR A 460 -3.97 -8.92 -8.03
C THR A 460 -3.81 -9.04 -6.51
N ALA A 461 -4.71 -9.77 -5.87
CA ALA A 461 -4.71 -10.10 -4.43
C ALA A 461 -4.60 -11.61 -4.30
N GLY A 462 -4.07 -12.10 -3.18
CA GLY A 462 -3.98 -13.55 -2.94
C GLY A 462 -3.19 -13.92 -1.71
N VAL A 463 -2.96 -15.22 -1.58
CA VAL A 463 -2.52 -15.91 -0.36
C VAL A 463 -1.55 -17.02 -0.80
N ALA A 464 -0.57 -17.38 0.04
CA ALA A 464 0.42 -18.43 -0.26
C ALA A 464 1.17 -18.83 1.00
N PRO A 465 1.70 -20.08 1.07
CA PRO A 465 1.35 -21.15 0.12
C PRO A 465 -0.11 -21.57 0.30
N ALA A 466 -0.77 -22.06 -0.77
CA ALA A 466 -2.22 -22.35 -0.76
C ALA A 466 -2.54 -23.63 0.03
N SER A 467 -1.52 -24.40 0.43
CA SER A 467 -1.66 -25.62 1.28
C SER A 467 -1.91 -25.20 2.73
N ASN A 468 -1.27 -24.10 3.12
CA ASN A 468 -1.11 -23.62 4.52
C ASN A 468 -0.68 -22.16 4.42
N PRO A 469 -1.60 -21.24 4.05
CA PRO A 469 -1.24 -19.84 3.81
C PRO A 469 -0.52 -19.21 5.00
N ARG A 470 0.54 -18.46 4.70
CA ARG A 470 1.35 -17.71 5.69
C ARG A 470 1.24 -16.21 5.41
N PHE A 471 1.14 -15.84 4.13
CA PHE A 471 1.23 -14.42 3.68
C PHE A 471 0.05 -14.09 2.77
N ALA A 472 -0.71 -13.07 3.15
CA ALA A 472 -1.65 -12.35 2.28
C ALA A 472 -0.88 -11.23 1.59
N LEU A 473 -1.07 -11.09 0.28
CA LEU A 473 -0.48 -9.98 -0.53
C LEU A 473 -1.57 -9.37 -1.40
N VAL A 474 -1.64 -8.03 -1.41
CA VAL A 474 -2.43 -7.21 -2.39
C VAL A 474 -1.44 -6.37 -3.20
N VAL A 475 -1.69 -6.26 -4.50
CA VAL A 475 -1.00 -5.36 -5.46
C VAL A 475 -2.08 -4.70 -6.33
N VAL A 476 -2.14 -3.37 -6.30
CA VAL A 476 -3.03 -2.53 -7.17
C VAL A 476 -2.13 -1.53 -7.91
N ILE A 477 -2.17 -1.55 -9.25
CA ILE A 477 -1.58 -0.49 -10.12
C ILE A 477 -2.70 0.44 -10.54
N ASN A 478 -2.60 1.71 -10.16
CA ASN A 478 -3.64 2.74 -10.42
C ASN A 478 -3.28 3.44 -11.74
N ASP A 479 -4.10 3.22 -12.77
CA ASP A 479 -4.15 3.90 -14.09
C ASP A 479 -2.91 3.58 -14.93
N PRO A 480 -2.66 2.28 -15.25
CA PRO A 480 -1.63 1.90 -16.21
C PRO A 480 -1.96 2.42 -17.62
N GLN A 481 -1.01 3.13 -18.24
CA GLN A 481 -1.22 3.88 -19.51
C GLN A 481 -0.20 3.47 -20.59
N ALA A 482 0.35 2.26 -20.53
CA ALA A 482 1.43 1.81 -21.45
C ALA A 482 0.94 0.69 -22.39
N GLY A 483 -0.35 0.34 -22.38
CA GLY A 483 -0.92 -0.63 -23.33
C GLY A 483 -1.82 -1.65 -22.65
N LYS A 484 -1.23 -2.63 -21.96
CA LYS A 484 -1.99 -3.65 -21.19
C LYS A 484 -2.51 -2.97 -19.92
N TYR A 485 -3.71 -3.34 -19.45
CA TYR A 485 -4.35 -2.71 -18.27
C TYR A 485 -5.03 -3.73 -17.34
N TYR A 486 -5.24 -4.99 -17.76
CA TYR A 486 -5.81 -6.07 -16.91
C TYR A 486 -4.91 -6.34 -15.72
N GLY A 487 -5.50 -6.65 -14.56
CA GLY A 487 -4.78 -7.13 -13.37
C GLY A 487 -3.93 -8.35 -13.67
N GLY A 488 -4.47 -9.27 -14.48
CA GLY A 488 -3.82 -10.53 -14.88
C GLY A 488 -2.55 -10.29 -15.68
N ALA A 489 -2.48 -9.15 -16.37
CA ALA A 489 -1.42 -8.79 -17.32
C ALA A 489 -0.38 -7.85 -16.67
N VAL A 490 -0.80 -7.05 -15.69
CA VAL A 490 -0.01 -5.89 -15.14
C VAL A 490 0.37 -6.13 -13.67
N SER A 491 -0.56 -6.63 -12.85
CA SER A 491 -0.37 -6.81 -11.38
C SER A 491 -0.02 -8.27 -11.03
N ALA A 492 -0.66 -9.25 -11.69
CA ALA A 492 -0.36 -10.71 -11.53
C ALA A 492 1.15 -10.95 -11.51
N PRO A 493 1.94 -10.46 -12.49
CA PRO A 493 3.37 -10.74 -12.53
C PRO A 493 4.11 -10.13 -11.33
N VAL A 494 3.75 -8.92 -10.93
CA VAL A 494 4.34 -8.20 -9.76
C VAL A 494 4.01 -8.99 -8.48
N PHE A 495 2.80 -9.53 -8.39
CA PHE A 495 2.39 -10.41 -7.26
C PHE A 495 3.32 -11.63 -7.21
N GLY A 496 3.52 -12.29 -8.36
CA GLY A 496 4.35 -13.50 -8.47
C GLY A 496 5.78 -13.25 -8.00
N ALA A 497 6.41 -12.22 -8.55
CA ALA A 497 7.78 -11.76 -8.20
C ALA A 497 7.89 -11.51 -6.70
N ILE A 498 6.92 -10.81 -6.09
CA ILE A 498 6.97 -10.42 -4.65
C ILE A 498 6.75 -11.67 -3.77
N MET A 499 5.70 -12.44 -4.04
CA MET A 499 5.34 -13.62 -3.21
C MET A 499 6.43 -14.70 -3.30
N GLY A 500 7.07 -14.84 -4.47
CA GLY A 500 8.19 -15.77 -4.70
C GLY A 500 9.35 -15.50 -3.74
N GLY A 501 9.91 -14.30 -3.79
CA GLY A 501 11.00 -13.85 -2.89
C GLY A 501 10.61 -13.97 -1.43
N VAL A 502 9.40 -13.53 -1.08
CA VAL A 502 8.86 -13.66 0.30
C VAL A 502 9.02 -15.12 0.76
N LEU A 503 8.39 -16.07 0.06
CA LEU A 503 8.37 -17.51 0.43
C LEU A 503 9.80 -18.03 0.64
N ARG A 504 10.73 -17.58 -0.21
CA ARG A 504 12.14 -18.03 -0.22
C ARG A 504 12.93 -17.36 0.90
N THR A 505 12.81 -16.03 1.04
CA THR A 505 13.42 -15.25 2.16
C THR A 505 13.04 -15.89 3.48
N MET A 506 11.74 -16.18 3.66
CA MET A 506 11.13 -16.69 4.91
C MET A 506 11.27 -18.22 5.00
N ASN A 507 12.04 -18.82 4.09
CA ASN A 507 12.44 -20.26 4.09
C ASN A 507 11.20 -21.16 4.19
N ILE A 508 10.19 -20.98 3.34
CA ILE A 508 8.93 -21.77 3.39
C ILE A 508 9.08 -23.02 2.51
N GLU A 509 8.81 -24.20 3.09
CA GLU A 509 8.84 -25.50 2.40
C GLU A 509 7.92 -25.42 1.18
N PRO A 510 8.44 -25.64 -0.05
CA PRO A 510 7.61 -25.70 -1.26
C PRO A 510 6.39 -26.63 -1.15
N ASP A 511 5.47 -26.52 -2.11
CA ASP A 511 4.04 -26.88 -1.96
C ASP A 511 3.58 -27.89 -3.04
N ALA A 512 4.29 -27.98 -4.17
CA ALA A 512 4.14 -29.07 -5.16
C ALA A 512 5.34 -29.09 -6.12
C ACT B . -19.71 -0.66 -14.37
O ACT B . -20.48 -0.28 -13.44
OXT ACT B . -20.07 -1.37 -15.33
CH3 ACT B . -18.26 -0.22 -14.33
C ACT C . 14.67 -15.54 8.20
O ACT C . 13.96 -15.40 7.18
OXT ACT C . 14.21 -15.59 9.36
CH3 ACT C . 16.20 -15.66 8.02
C CB9 D . -13.54 -7.66 -12.47
N CB9 D . -14.05 -6.61 -14.69
O CB9 D . -12.68 -6.86 -12.20
CA CB9 D . -14.20 -7.80 -13.84
CB CB9 D . -13.74 -9.13 -14.52
CAA CB9 D . -11.26 -10.32 -16.90
CAB CB9 D . -11.23 -7.83 -17.16
OAD CB9 D . -9.01 -8.89 -14.98
OAE CB9 D . -16.46 -3.26 -16.98
OAF CB9 D . -16.20 -6.03 -14.39
OAG CB9 D . -9.95 -10.22 -13.56
OAH CB9 D . -15.70 -3.27 -14.99
CAJ CB9 D . -11.86 -4.64 -19.06
CAK CB9 D . -12.88 -5.51 -19.36
CAL CB9 D . -11.90 -3.91 -17.89
CAM CB9 D . -13.95 -5.67 -18.48
CAN CB9 D . -12.96 -4.07 -17.00
NAP CB9 D . -12.40 -9.56 -14.09
SAQ CB9 D . -13.58 -8.96 -16.32
CAR CB9 D . -9.98 -9.35 -14.41
CAS CB9 D . -15.83 -3.76 -16.09
CAT CB9 D . -15.17 -5.96 -15.06
CAU CB9 D . -13.98 -4.98 -17.27
CAX CB9 D . -11.36 -8.82 -14.81
CAY CB9 D . -15.19 -5.14 -16.36
CAZ CB9 D . -11.73 -8.99 -16.32
#